data_2D2R
#
_entry.id   2D2R
#
_cell.length_a   49.630
_cell.length_b   58.914
_cell.length_c   153.425
_cell.angle_alpha   90.00
_cell.angle_beta   90.00
_cell.angle_gamma   90.00
#
_symmetry.space_group_name_H-M   'P 21 21 21'
#
loop_
_entity.id
_entity.type
_entity.pdbx_description
1 polymer 'Undecaprenyl Pyrophosphate Synthase'
2 water water
#
_entity_poly.entity_id   1
_entity_poly.type   'polypeptide(L)'
_entity_poly.pdbx_seq_one_letter_code
;MLSATQPLSEKLDSTLKHLAIIMDGNGRWAKLKNKARAYGHKKGVKTLKDITIWCANHKLECLTLYAFSTENWKRPKSEV
DFLMKMLKKYLKDERSTYLDNNIRFRAIGDLEGFSKELRDTILQLENDTRHFKDFTQVLALNYGSKNELSRAFKSLLESP
PSNISLLESLENEISNRLDTRNLPEVDLLLRTGGEMRLSNFLLWQSSYAELFFTPILWPDFTPKDLENIISDFYKRVRKF
GELKA
;
_entity_poly.pdbx_strand_id   A,B
#
# COMPACT_ATOMS: atom_id res chain seq x y z
N SER A 14 -19.84 -7.81 8.16
CA SER A 14 -19.40 -8.46 9.42
C SER A 14 -17.89 -8.20 9.59
N THR A 15 -17.11 -9.02 8.88
CA THR A 15 -15.66 -8.90 8.87
C THR A 15 -15.33 -7.71 7.94
N LEU A 16 -16.27 -7.40 7.05
CA LEU A 16 -16.07 -6.31 6.13
C LEU A 16 -16.72 -5.06 6.67
N LYS A 17 -15.91 -4.12 7.16
CA LYS A 17 -16.44 -2.89 7.68
C LYS A 17 -16.10 -1.67 6.84
N HIS A 18 -14.89 -1.64 6.29
CA HIS A 18 -14.45 -0.48 5.50
C HIS A 18 -13.97 -0.96 4.13
N LEU A 19 -14.66 -0.50 3.07
CA LEU A 19 -14.35 -0.84 1.69
C LEU A 19 -13.82 0.45 1.08
N ALA A 20 -12.74 0.34 0.30
CA ALA A 20 -12.14 1.52 -0.34
C ALA A 20 -12.03 1.22 -1.81
N ILE A 21 -12.30 2.20 -2.65
CA ILE A 21 -12.24 1.91 -4.05
C ILE A 21 -11.50 2.92 -4.88
N ILE A 22 -10.61 2.44 -5.76
CA ILE A 22 -9.93 3.34 -6.70
C ILE A 22 -10.86 3.15 -7.94
N MET A 23 -11.62 4.19 -8.26
CA MET A 23 -12.59 4.11 -9.36
C MET A 23 -11.90 4.45 -10.68
N ASP A 24 -11.24 3.49 -11.28
CA ASP A 24 -10.56 3.78 -12.52
C ASP A 24 -11.32 3.26 -13.77
N GLY A 25 -10.97 3.81 -14.93
CA GLY A 25 -11.61 3.39 -16.18
C GLY A 25 -12.66 4.32 -16.81
N ASN A 26 -12.92 5.48 -16.21
CA ASN A 26 -13.92 6.43 -16.73
C ASN A 26 -13.68 6.95 -18.14
N GLY A 27 -12.69 7.82 -18.25
CA GLY A 27 -12.39 8.41 -19.53
C GLY A 27 -12.16 7.33 -20.57
N ARG A 28 -11.57 6.23 -20.14
CA ARG A 28 -11.28 5.14 -21.04
C ARG A 28 -12.56 4.44 -21.53
N TRP A 29 -13.56 4.37 -20.67
CA TRP A 29 -14.85 3.73 -20.98
C TRP A 29 -15.57 4.57 -22.02
N ALA A 30 -15.28 5.86 -21.99
CA ALA A 30 -15.87 6.80 -22.92
C ALA A 30 -15.15 6.70 -24.25
N LYS A 31 -13.87 6.30 -24.21
CA LYS A 31 -13.08 6.18 -25.42
C LYS A 31 -13.50 5.01 -26.29
N LEU A 32 -13.86 3.90 -25.67
CA LEU A 32 -14.25 2.75 -26.45
C LEU A 32 -15.62 2.95 -27.07
N LYS A 33 -16.35 3.93 -26.55
CA LYS A 33 -17.65 4.31 -27.07
C LYS A 33 -17.36 5.54 -27.92
N ASN A 34 -16.06 5.78 -28.10
CA ASN A 34 -15.51 6.90 -28.84
C ASN A 34 -16.19 8.21 -28.44
N LYS A 35 -16.12 8.52 -27.15
CA LYS A 35 -16.74 9.73 -26.60
C LYS A 35 -15.81 10.66 -25.81
N ALA A 36 -16.23 11.91 -25.65
CA ALA A 36 -15.45 12.88 -24.92
C ALA A 36 -15.46 12.56 -23.43
N ARG A 37 -14.31 12.82 -22.79
CA ARG A 37 -14.08 12.58 -21.37
C ARG A 37 -15.24 12.86 -20.41
N ALA A 38 -16.01 13.90 -20.69
CA ALA A 38 -17.12 14.28 -19.84
C ALA A 38 -18.19 13.19 -19.68
N TYR A 39 -18.62 12.61 -20.80
CA TYR A 39 -19.64 11.57 -20.77
C TYR A 39 -19.22 10.55 -19.72
N GLY A 40 -18.00 10.04 -19.87
CA GLY A 40 -17.45 9.07 -18.96
C GLY A 40 -17.57 9.35 -17.47
N HIS A 41 -17.02 10.48 -17.02
CA HIS A 41 -17.08 10.79 -15.60
C HIS A 41 -18.50 10.92 -15.06
N LYS A 42 -19.36 11.58 -15.83
CA LYS A 42 -20.73 11.78 -15.40
C LYS A 42 -21.43 10.47 -15.08
N LYS A 43 -21.14 9.44 -15.88
CA LYS A 43 -21.69 8.10 -15.67
C LYS A 43 -20.98 7.53 -14.44
N GLY A 44 -19.67 7.79 -14.34
CA GLY A 44 -18.89 7.34 -13.21
C GLY A 44 -19.58 7.83 -11.97
N VAL A 45 -20.12 9.04 -12.05
CA VAL A 45 -20.85 9.62 -10.93
C VAL A 45 -22.14 8.85 -10.55
N LYS A 46 -22.83 8.24 -11.50
CA LYS A 46 -24.05 7.52 -11.12
C LYS A 46 -23.67 6.21 -10.40
N THR A 47 -22.61 5.58 -10.88
CA THR A 47 -22.13 4.36 -10.23
C THR A 47 -21.76 4.70 -8.80
N LEU A 48 -21.02 5.75 -8.64
CA LEU A 48 -20.64 6.12 -7.29
C LEU A 48 -21.95 6.17 -6.44
N LYS A 49 -22.96 6.88 -6.96
CA LYS A 49 -24.20 7.00 -6.19
C LYS A 49 -24.80 5.64 -5.88
N ASP A 50 -24.89 4.81 -6.90
CA ASP A 50 -25.46 3.48 -6.73
C ASP A 50 -24.66 2.63 -5.80
N ILE A 51 -23.34 2.62 -6.00
CA ILE A 51 -22.51 1.83 -5.13
C ILE A 51 -22.65 2.31 -3.72
N THR A 52 -22.60 3.61 -3.48
CA THR A 52 -22.70 4.00 -2.08
C THR A 52 -24.03 3.63 -1.45
N ILE A 53 -25.13 3.84 -2.19
CA ILE A 53 -26.47 3.52 -1.68
C ILE A 53 -26.53 2.02 -1.33
N TRP A 54 -26.03 1.18 -2.23
CA TRP A 54 -26.00 -0.24 -1.97
C TRP A 54 -25.21 -0.54 -0.68
N CYS A 55 -24.04 0.07 -0.51
CA CYS A 55 -23.26 -0.18 0.69
C CYS A 55 -24.02 0.29 1.91
N ALA A 56 -24.69 1.44 1.77
CA ALA A 56 -25.45 2.00 2.86
C ALA A 56 -26.51 0.98 3.25
N ASN A 57 -27.18 0.40 2.26
CA ASN A 57 -28.22 -0.58 2.56
C ASN A 57 -27.74 -1.97 2.85
N HIS A 58 -26.43 -2.14 3.05
CA HIS A 58 -25.95 -3.47 3.30
C HIS A 58 -25.13 -3.60 4.55
N LYS A 59 -25.24 -2.59 5.42
CA LYS A 59 -24.53 -2.57 6.70
C LYS A 59 -23.02 -2.44 6.56
N LEU A 60 -22.58 -1.57 5.66
CA LEU A 60 -21.15 -1.33 5.48
C LEU A 60 -20.95 -0.20 6.46
N GLU A 61 -19.83 -0.13 7.14
CA GLU A 61 -19.71 0.98 8.05
C GLU A 61 -18.99 2.17 7.39
N CYS A 62 -18.17 1.91 6.35
CA CYS A 62 -17.39 2.98 5.72
C CYS A 62 -17.02 2.64 4.27
N LEU A 63 -17.10 3.62 3.39
CA LEU A 63 -16.78 3.44 1.99
C LEU A 63 -15.94 4.66 1.65
N THR A 64 -14.72 4.44 1.17
CA THR A 64 -13.85 5.55 0.82
C THR A 64 -13.57 5.43 -0.69
N LEU A 65 -13.77 6.52 -1.43
CA LEU A 65 -13.62 6.53 -2.88
C LEU A 65 -12.55 7.50 -3.32
N TYR A 66 -11.68 7.05 -4.21
CA TYR A 66 -10.60 7.92 -4.60
C TYR A 66 -11.11 8.85 -5.69
N ALA A 67 -11.69 9.98 -5.25
CA ALA A 67 -12.28 10.97 -6.15
C ALA A 67 -11.24 11.52 -7.09
N PHE A 68 -10.15 12.03 -6.51
CA PHE A 68 -9.03 12.54 -7.27
C PHE A 68 -7.81 12.93 -6.42
N GLU A 79 -7.73 26.33 -15.25
CA GLU A 79 -8.55 25.10 -15.47
C GLU A 79 -8.88 24.30 -14.21
N VAL A 80 -8.02 24.41 -13.18
CA VAL A 80 -8.26 23.68 -11.94
C VAL A 80 -9.42 24.31 -11.18
N ASP A 81 -9.55 25.62 -11.30
CA ASP A 81 -10.64 26.33 -10.62
C ASP A 81 -11.95 25.76 -11.15
N PHE A 82 -11.97 25.41 -12.43
CA PHE A 82 -13.19 24.87 -13.04
C PHE A 82 -13.63 23.51 -12.45
N LEU A 83 -12.65 22.63 -12.22
CA LEU A 83 -12.89 21.33 -11.65
C LEU A 83 -13.52 21.50 -10.28
N MET A 84 -12.99 22.46 -9.53
CA MET A 84 -13.48 22.76 -8.20
C MET A 84 -14.87 23.41 -8.22
N LYS A 85 -15.27 23.91 -9.39
CA LYS A 85 -16.59 24.52 -9.56
C LYS A 85 -17.56 23.37 -9.65
N MET A 86 -17.21 22.44 -10.52
CA MET A 86 -18.01 21.26 -10.76
C MET A 86 -18.11 20.41 -9.51
N LEU A 87 -17.04 20.39 -8.72
CA LEU A 87 -17.09 19.59 -7.51
C LEU A 87 -18.18 20.09 -6.58
N LYS A 88 -18.13 21.39 -6.30
CA LYS A 88 -19.09 22.04 -5.42
C LYS A 88 -20.49 21.88 -5.95
N LYS A 89 -20.66 22.00 -7.26
CA LYS A 89 -21.97 21.87 -7.84
C LYS A 89 -22.37 20.47 -7.46
N TYR A 90 -21.49 19.55 -7.82
CA TYR A 90 -21.68 18.13 -7.54
C TYR A 90 -22.14 17.89 -6.12
N LEU A 91 -21.48 18.54 -5.17
CA LEU A 91 -21.83 18.32 -3.77
C LEU A 91 -23.12 19.02 -3.36
N LYS A 92 -23.32 20.24 -3.81
CA LYS A 92 -24.57 20.91 -3.46
C LYS A 92 -25.71 20.15 -4.13
N ASP A 93 -25.49 19.66 -5.34
CA ASP A 93 -26.53 18.89 -6.00
C ASP A 93 -26.97 17.68 -5.15
N GLU A 94 -26.11 16.67 -5.03
CA GLU A 94 -26.48 15.50 -4.27
C GLU A 94 -26.56 15.63 -2.76
N ARG A 95 -26.36 16.84 -2.25
CA ARG A 95 -26.45 17.07 -0.80
C ARG A 95 -27.69 16.34 -0.28
N SER A 96 -28.71 16.34 -1.11
CA SER A 96 -29.98 15.73 -0.77
C SER A 96 -29.95 14.20 -0.64
N THR A 97 -29.07 13.55 -1.37
CA THR A 97 -29.02 12.11 -1.29
C THR A 97 -28.30 11.55 -0.06
N TYR A 98 -27.52 12.39 0.62
CA TYR A 98 -26.84 11.94 1.84
C TYR A 98 -27.88 11.89 2.97
N LEU A 99 -28.74 12.91 3.01
CA LEU A 99 -29.79 13.02 4.03
C LEU A 99 -30.84 11.92 3.85
N ASP A 100 -31.21 11.69 2.60
CA ASP A 100 -32.21 10.71 2.27
C ASP A 100 -31.87 9.26 2.51
N ASN A 101 -30.59 8.92 2.57
CA ASN A 101 -30.21 7.52 2.80
C ASN A 101 -29.47 7.36 4.11
N ASN A 102 -29.43 8.41 4.92
CA ASN A 102 -28.72 8.33 6.18
C ASN A 102 -27.26 7.96 5.93
N ILE A 103 -26.52 8.88 5.32
CA ILE A 103 -25.12 8.70 4.96
C ILE A 103 -24.28 9.88 5.42
N ARG A 104 -23.38 9.63 6.36
CA ARG A 104 -22.50 10.70 6.84
C ARG A 104 -21.45 11.04 5.78
N PHE A 105 -21.11 12.32 5.62
CA PHE A 105 -20.13 12.72 4.64
C PHE A 105 -18.79 13.17 5.18
N ARG A 106 -17.71 12.67 4.61
CA ARG A 106 -16.41 13.09 5.06
C ARG A 106 -15.48 13.25 3.86
N ALA A 107 -14.68 14.31 3.87
CA ALA A 107 -13.68 14.56 2.83
C ALA A 107 -12.29 14.36 3.43
N ILE A 108 -11.37 13.79 2.64
CA ILE A 108 -9.99 13.62 3.03
C ILE A 108 -9.15 14.09 1.86
N GLY A 109 -7.98 14.59 2.16
CA GLY A 109 -7.12 15.10 1.12
C GLY A 109 -6.68 16.45 1.63
N ASP A 110 -5.87 17.13 0.83
CA ASP A 110 -5.37 18.45 1.16
C ASP A 110 -6.41 19.54 0.78
N LEU A 111 -7.36 19.80 1.66
CA LEU A 111 -8.41 20.78 1.40
C LEU A 111 -7.93 22.23 1.37
N GLU A 112 -6.73 22.46 1.91
CA GLU A 112 -6.10 23.78 1.95
C GLU A 112 -5.88 24.28 0.53
N GLY A 113 -5.77 23.36 -0.41
CA GLY A 113 -5.57 23.79 -1.77
C GLY A 113 -6.89 24.03 -2.50
N PHE A 114 -7.97 24.28 -1.76
CA PHE A 114 -9.27 24.53 -2.36
C PHE A 114 -9.72 25.99 -2.33
N SER A 115 -10.66 26.32 -3.20
CA SER A 115 -11.24 27.66 -3.23
C SER A 115 -12.09 27.71 -1.96
N LYS A 116 -12.09 28.87 -1.29
CA LYS A 116 -12.87 29.05 -0.06
C LYS A 116 -14.30 28.55 -0.24
N GLU A 117 -14.82 28.75 -1.45
CA GLU A 117 -16.20 28.34 -1.70
C GLU A 117 -16.33 26.82 -1.62
N LEU A 118 -15.41 26.09 -2.22
CA LEU A 118 -15.48 24.63 -2.20
C LEU A 118 -15.23 24.12 -0.79
N ARG A 119 -14.17 24.64 -0.16
CA ARG A 119 -13.81 24.25 1.21
C ARG A 119 -14.99 24.55 2.11
N ASP A 120 -15.72 25.59 1.77
CA ASP A 120 -16.90 26.02 2.51
C ASP A 120 -18.05 25.00 2.34
N THR A 121 -18.31 24.59 1.11
CA THR A 121 -19.37 23.63 0.92
C THR A 121 -18.97 22.29 1.48
N ILE A 122 -17.68 21.96 1.37
CA ILE A 122 -17.22 20.70 1.91
C ILE A 122 -17.51 20.66 3.41
N LEU A 123 -16.91 21.59 4.13
CA LEU A 123 -17.09 21.65 5.57
C LEU A 123 -18.58 21.64 5.95
N GLN A 124 -19.42 22.27 5.16
CA GLN A 124 -20.83 22.30 5.52
C GLN A 124 -21.55 21.00 5.32
N LEU A 125 -21.23 20.25 4.26
CA LEU A 125 -21.92 18.98 4.07
C LEU A 125 -21.50 18.08 5.22
N GLU A 126 -20.27 18.28 5.72
CA GLU A 126 -19.74 17.50 6.83
C GLU A 126 -20.55 17.81 8.09
N ASN A 127 -20.65 19.09 8.42
CA ASN A 127 -21.42 19.54 9.58
C ASN A 127 -22.81 18.92 9.51
N ASP A 128 -23.50 19.17 8.41
CA ASP A 128 -24.85 18.70 8.19
C ASP A 128 -25.13 17.22 8.30
N THR A 129 -24.12 16.40 8.02
CA THR A 129 -24.31 14.97 8.03
C THR A 129 -23.65 14.25 9.20
N ARG A 130 -22.88 14.99 9.99
CA ARG A 130 -22.16 14.46 11.13
C ARG A 130 -23.05 13.73 12.11
N HIS A 131 -24.33 13.71 11.81
CA HIS A 131 -25.31 13.09 12.68
C HIS A 131 -25.46 11.62 12.47
N PHE A 132 -25.26 11.19 11.24
CA PHE A 132 -25.40 9.78 10.93
C PHE A 132 -24.16 9.04 11.44
N LYS A 133 -24.38 7.96 12.20
CA LYS A 133 -23.26 7.21 12.75
C LYS A 133 -23.11 5.77 12.25
N ASP A 134 -24.10 5.25 11.54
CA ASP A 134 -23.98 3.89 11.04
C ASP A 134 -23.06 3.73 9.82
N PHE A 135 -23.33 4.46 8.74
CA PHE A 135 -22.56 4.39 7.51
C PHE A 135 -21.94 5.73 7.15
N THR A 136 -20.68 5.69 6.71
CA THR A 136 -19.97 6.90 6.28
C THR A 136 -19.41 6.73 4.86
N GLN A 137 -19.51 7.79 4.07
CA GLN A 137 -18.95 7.78 2.72
C GLN A 137 -17.87 8.83 2.82
N VAL A 138 -16.64 8.45 2.45
CA VAL A 138 -15.52 9.33 2.48
C VAL A 138 -15.07 9.57 1.05
N LEU A 139 -14.88 10.85 0.68
CA LEU A 139 -14.37 11.16 -0.65
C LEU A 139 -12.97 11.72 -0.51
N ALA A 140 -12.05 11.10 -1.24
CA ALA A 140 -10.67 11.52 -1.27
C ALA A 140 -10.59 12.62 -2.32
N LEU A 141 -10.32 13.84 -1.89
CA LEU A 141 -10.26 15.00 -2.77
C LEU A 141 -8.92 15.68 -2.70
N ASN A 142 -8.26 15.80 -3.84
CA ASN A 142 -6.91 16.38 -3.89
C ASN A 142 -6.13 15.57 -2.84
N TYR A 143 -6.32 14.27 -2.90
CA TYR A 143 -5.72 13.33 -1.94
C TYR A 143 -4.49 12.57 -2.39
N GLY A 144 -3.53 12.45 -1.47
CA GLY A 144 -2.34 11.67 -1.76
C GLY A 144 -1.91 11.12 -0.41
N SER A 145 -1.55 9.84 -0.32
CA SER A 145 -1.12 9.26 0.95
C SER A 145 0.15 9.84 1.50
N LYS A 146 1.19 10.00 0.66
CA LYS A 146 2.39 10.59 1.19
C LYS A 146 2.12 11.97 1.72
N ASN A 147 1.29 12.73 1.01
CA ASN A 147 0.96 14.07 1.49
C ASN A 147 0.16 13.98 2.78
N GLU A 148 -0.80 13.07 2.87
CA GLU A 148 -1.55 12.95 4.12
C GLU A 148 -0.61 12.66 5.30
N LEU A 149 0.34 11.76 5.11
CA LEU A 149 1.28 11.44 6.18
C LEU A 149 2.16 12.65 6.51
N SER A 150 2.52 13.42 5.49
CA SER A 150 3.34 14.60 5.69
C SER A 150 2.58 15.60 6.53
N ARG A 151 1.28 15.75 6.27
CA ARG A 151 0.47 16.70 7.03
C ARG A 151 0.27 16.17 8.45
N ALA A 152 0.22 14.84 8.60
CA ALA A 152 0.05 14.26 9.93
C ALA A 152 1.29 14.60 10.74
N PHE A 153 2.44 14.55 10.08
CA PHE A 153 3.71 14.83 10.77
C PHE A 153 3.81 16.29 11.20
N LYS A 154 3.36 17.16 10.29
CA LYS A 154 3.38 18.61 10.53
C LYS A 154 2.44 18.89 11.68
N SER A 155 1.37 18.10 11.75
CA SER A 155 0.41 18.22 12.83
C SER A 155 1.11 17.88 14.17
N LEU A 156 1.92 16.82 14.18
CA LEU A 156 2.58 16.41 15.44
C LEU A 156 3.68 17.36 15.85
N LEU A 157 4.36 17.95 14.88
CA LEU A 157 5.46 18.88 15.15
C LEU A 157 4.89 20.21 15.64
N GLU A 158 3.79 20.63 15.03
CA GLU A 158 3.18 21.90 15.40
C GLU A 158 2.36 21.81 16.69
N SER A 159 1.76 20.65 16.96
CA SER A 159 1.00 20.45 18.19
C SER A 159 1.26 19.05 18.75
N PRO A 160 2.39 18.87 19.40
CA PRO A 160 2.60 17.51 19.90
C PRO A 160 1.68 17.08 21.00
N PRO A 161 1.60 15.76 21.22
CA PRO A 161 0.73 15.24 22.29
C PRO A 161 1.43 15.76 23.53
N SER A 162 0.69 16.09 24.58
CA SER A 162 1.37 16.67 25.72
C SER A 162 2.46 15.81 26.29
N ASN A 163 2.25 14.49 26.27
CA ASN A 163 3.25 13.54 26.81
C ASN A 163 4.26 13.04 25.77
N ILE A 164 4.38 13.78 24.69
CA ILE A 164 5.29 13.35 23.64
C ILE A 164 6.62 12.89 24.18
N SER A 165 7.04 13.46 25.30
CA SER A 165 8.32 13.15 25.90
C SER A 165 8.48 11.71 26.38
N LEU A 166 7.36 11.14 26.81
CA LEU A 166 7.31 9.79 27.38
C LEU A 166 6.97 8.74 26.31
N LEU A 167 7.00 9.14 25.05
CA LEU A 167 6.64 8.21 24.01
C LEU A 167 7.83 7.68 23.22
N GLU A 168 7.68 6.51 22.62
CA GLU A 168 8.74 6.03 21.79
C GLU A 168 8.06 5.64 20.47
N SER A 169 7.16 4.68 20.49
CA SER A 169 6.44 4.31 19.26
C SER A 169 5.36 5.40 19.05
N LEU A 170 5.27 5.94 17.82
CA LEU A 170 4.25 6.96 17.50
C LEU A 170 3.09 6.52 16.61
N GLU A 171 3.01 5.22 16.33
CA GLU A 171 1.93 4.72 15.46
C GLU A 171 0.53 5.18 15.85
N ASN A 172 0.15 4.96 17.09
CA ASN A 172 -1.16 5.39 17.47
C ASN A 172 -1.26 6.90 17.27
N GLU A 173 -0.19 7.63 17.55
CA GLU A 173 -0.27 9.08 17.41
C GLU A 173 -0.43 9.51 15.94
N ILE A 174 0.18 8.76 15.04
CA ILE A 174 0.06 9.13 13.63
C ILE A 174 -1.32 8.79 13.19
N SER A 175 -1.79 7.61 13.57
CA SER A 175 -3.10 7.15 13.17
C SER A 175 -4.18 8.17 13.50
N ASN A 176 -4.00 8.80 14.65
CA ASN A 176 -5.01 9.75 15.12
C ASN A 176 -4.87 11.17 14.63
N ARG A 177 -3.87 11.43 13.78
CA ARG A 177 -3.69 12.73 13.16
C ARG A 177 -3.92 12.64 11.64
N LEU A 178 -4.15 11.43 11.10
CA LEU A 178 -4.39 11.25 9.65
C LEU A 178 -5.81 11.76 9.38
N ASP A 179 -6.10 12.13 8.14
CA ASP A 179 -7.46 12.63 7.76
C ASP A 179 -8.53 11.60 8.14
N THR A 180 -8.14 10.32 8.17
CA THR A 180 -9.04 9.20 8.47
C THR A 180 -9.16 8.86 9.95
N ARG A 181 -8.63 9.68 10.83
CA ARG A 181 -8.71 9.35 12.24
C ARG A 181 -10.14 8.91 12.63
N ASN A 182 -10.22 7.91 13.50
CA ASN A 182 -11.52 7.42 13.97
C ASN A 182 -12.29 6.58 12.95
N LEU A 183 -11.78 6.41 11.72
CA LEU A 183 -12.49 5.52 10.81
C LEU A 183 -11.80 4.17 11.05
N PRO A 184 -12.47 3.07 10.73
CA PRO A 184 -11.76 1.80 10.94
C PRO A 184 -10.73 1.64 9.82
N GLU A 185 -9.81 0.70 9.97
CA GLU A 185 -8.82 0.51 8.93
C GLU A 185 -9.53 -0.10 7.72
N VAL A 186 -8.85 -0.07 6.59
CA VAL A 186 -9.43 -0.63 5.40
C VAL A 186 -9.41 -2.15 5.39
N ASP A 187 -10.56 -2.79 5.10
CA ASP A 187 -10.59 -4.25 5.05
C ASP A 187 -10.38 -4.82 3.65
N LEU A 188 -10.84 -4.09 2.65
CA LEU A 188 -10.76 -4.55 1.29
C LEU A 188 -10.56 -3.32 0.44
N LEU A 189 -9.47 -3.28 -0.33
CA LEU A 189 -9.16 -2.15 -1.21
C LEU A 189 -9.34 -2.66 -2.62
N LEU A 190 -10.30 -2.09 -3.33
CA LEU A 190 -10.60 -2.54 -4.68
C LEU A 190 -10.20 -1.54 -5.70
N ARG A 191 -9.63 -2.01 -6.81
CA ARG A 191 -9.29 -1.10 -7.91
C ARG A 191 -9.90 -1.61 -9.21
N THR A 192 -10.75 -0.77 -9.83
CA THR A 192 -11.38 -1.13 -11.07
C THR A 192 -10.50 -0.60 -12.22
N GLY A 193 -10.87 -0.95 -13.45
CA GLY A 193 -10.13 -0.48 -14.61
C GLY A 193 -8.92 -1.24 -15.09
N GLY A 194 -8.56 -2.34 -14.48
CA GLY A 194 -7.44 -3.08 -15.07
C GLY A 194 -6.03 -2.94 -14.53
N GLU A 195 -5.70 -1.79 -13.94
CA GLU A 195 -4.36 -1.54 -13.41
C GLU A 195 -4.18 -2.19 -12.07
N MET A 196 -2.92 -2.53 -11.75
CA MET A 196 -2.67 -3.17 -10.43
C MET A 196 -1.59 -2.39 -9.70
N ARG A 197 -1.95 -1.24 -9.12
CA ARG A 197 -0.98 -0.35 -8.40
C ARG A 197 -1.83 0.31 -7.31
N LEU A 198 -1.23 0.77 -6.20
CA LEU A 198 -2.03 1.41 -5.12
C LEU A 198 -2.26 2.89 -5.44
N SER A 199 -1.36 3.42 -6.25
CA SER A 199 -1.42 4.82 -6.62
C SER A 199 -1.52 5.80 -5.47
N ASN A 200 -0.66 5.64 -4.46
CA ASN A 200 -0.56 6.60 -3.35
C ASN A 200 -1.92 6.86 -2.65
N PHE A 201 -2.70 5.81 -2.50
CA PHE A 201 -4.01 5.87 -1.88
C PHE A 201 -4.11 5.02 -0.64
N LEU A 202 -4.36 5.68 0.49
CA LEU A 202 -4.60 5.00 1.77
C LEU A 202 -3.54 3.93 2.03
N LEU A 203 -2.28 4.30 1.88
CA LEU A 203 -1.18 3.31 2.06
C LEU A 203 -1.14 2.81 3.52
N TRP A 204 -1.19 3.74 4.44
CA TRP A 204 -1.17 3.41 5.85
C TRP A 204 -2.39 2.64 6.27
N GLN A 205 -3.57 3.11 5.85
CA GLN A 205 -4.81 2.49 6.26
C GLN A 205 -5.12 1.14 5.67
N SER A 206 -4.47 0.80 4.56
CA SER A 206 -4.71 -0.45 3.87
C SER A 206 -3.54 -1.43 4.15
N SER A 207 -2.76 -1.23 5.21
CA SER A 207 -1.59 -2.10 5.44
C SER A 207 -1.94 -3.60 5.48
N TYR A 208 -3.17 -3.89 5.86
CA TYR A 208 -3.59 -5.31 5.90
C TYR A 208 -4.87 -5.60 5.15
N ALA A 209 -5.22 -4.70 4.28
CA ALA A 209 -6.43 -4.91 3.49
C ALA A 209 -6.27 -6.00 2.44
N GLU A 210 -7.37 -6.69 2.20
CA GLU A 210 -7.42 -7.67 1.14
C GLU A 210 -7.50 -6.81 -0.11
N LEU A 211 -6.65 -7.13 -1.11
CA LEU A 211 -6.57 -6.40 -2.35
C LEU A 211 -7.31 -7.11 -3.46
N PHE A 212 -8.17 -6.37 -4.13
CA PHE A 212 -8.97 -6.90 -5.25
C PHE A 212 -8.80 -6.01 -6.45
N PHE A 213 -8.72 -6.65 -7.60
CA PHE A 213 -8.52 -5.97 -8.86
C PHE A 213 -9.52 -6.52 -9.91
N THR A 214 -10.04 -5.63 -10.75
CA THR A 214 -10.92 -6.05 -11.81
C THR A 214 -10.76 -5.13 -12.99
N PRO A 215 -10.77 -5.70 -14.21
CA PRO A 215 -10.65 -5.01 -15.49
C PRO A 215 -11.90 -4.23 -15.78
N ILE A 216 -13.00 -4.62 -15.16
CA ILE A 216 -14.24 -3.90 -15.40
C ILE A 216 -13.99 -2.41 -15.21
N LEU A 217 -14.38 -1.61 -16.20
CA LEU A 217 -14.18 -0.17 -16.08
C LEU A 217 -15.17 0.35 -15.05
N TRP A 218 -14.87 1.49 -14.42
CA TRP A 218 -15.76 2.00 -13.38
C TRP A 218 -17.22 2.26 -13.83
N PRO A 219 -17.43 2.98 -14.94
CA PRO A 219 -18.81 3.25 -15.39
C PRO A 219 -19.62 1.99 -15.69
N ASP A 220 -18.96 0.84 -15.80
CA ASP A 220 -19.65 -0.43 -16.07
C ASP A 220 -19.82 -1.28 -14.81
N PHE A 221 -19.28 -0.78 -13.69
CA PHE A 221 -19.28 -1.49 -12.42
C PHE A 221 -20.64 -1.48 -11.75
N THR A 222 -21.14 -2.63 -11.36
CA THR A 222 -22.45 -2.66 -10.75
C THR A 222 -22.47 -3.20 -9.36
N PRO A 223 -23.59 -3.01 -8.66
CA PRO A 223 -23.62 -3.54 -7.31
C PRO A 223 -23.50 -5.06 -7.36
N LYS A 224 -23.90 -5.64 -8.49
CA LYS A 224 -23.83 -7.09 -8.64
C LYS A 224 -22.34 -7.48 -8.64
N ASP A 225 -21.54 -6.79 -9.46
CA ASP A 225 -20.11 -7.05 -9.54
C ASP A 225 -19.50 -6.93 -8.14
N LEU A 226 -19.90 -5.89 -7.40
CA LEU A 226 -19.39 -5.69 -6.06
C LEU A 226 -19.84 -6.79 -5.15
N GLU A 227 -21.02 -7.34 -5.41
CA GLU A 227 -21.52 -8.44 -4.56
C GLU A 227 -20.65 -9.70 -4.75
N ASN A 228 -20.24 -9.94 -5.98
CA ASN A 228 -19.40 -11.08 -6.32
C ASN A 228 -18.02 -10.96 -5.62
N ILE A 229 -17.47 -9.74 -5.65
CA ILE A 229 -16.19 -9.44 -5.01
C ILE A 229 -16.30 -9.65 -3.51
N ILE A 230 -17.38 -9.13 -2.92
CA ILE A 230 -17.51 -9.32 -1.49
C ILE A 230 -17.63 -10.82 -1.15
N SER A 231 -18.28 -11.56 -2.03
CA SER A 231 -18.42 -12.98 -1.77
C SER A 231 -17.02 -13.61 -1.76
N ASP A 232 -16.19 -13.22 -2.74
CA ASP A 232 -14.83 -13.73 -2.79
C ASP A 232 -14.06 -13.36 -1.52
N PHE A 233 -14.23 -12.11 -1.07
CA PHE A 233 -13.60 -11.63 0.13
C PHE A 233 -13.87 -12.62 1.26
N TYR A 234 -15.14 -12.92 1.53
CA TYR A 234 -15.44 -13.84 2.60
C TYR A 234 -14.75 -15.19 2.41
N LYS A 235 -14.66 -15.65 1.16
CA LYS A 235 -13.99 -16.91 0.91
C LYS A 235 -12.52 -16.85 1.34
N ARG A 236 -11.87 -15.69 1.09
CA ARG A 236 -10.45 -15.57 1.40
C ARG A 236 -10.30 -15.62 2.87
N VAL A 237 -11.11 -14.82 3.54
CA VAL A 237 -11.10 -14.71 4.98
C VAL A 237 -11.52 -16.07 5.53
N ARG A 238 -10.57 -17.02 5.56
CA ARG A 238 -10.89 -18.36 6.03
C ARG A 238 -11.76 -18.28 7.26
N THR B 15 13.93 -0.08 -16.73
CA THR B 15 13.10 0.68 -15.76
C THR B 15 12.75 -0.18 -14.53
N LEU B 16 13.07 -1.47 -14.52
CA LEU B 16 12.85 -2.22 -13.28
C LEU B 16 14.18 -2.03 -12.49
N LYS B 17 14.16 -1.19 -11.47
CA LYS B 17 15.38 -0.99 -10.68
C LYS B 17 15.33 -1.62 -9.27
N HIS B 18 14.13 -1.54 -8.65
CA HIS B 18 13.93 -2.08 -7.31
C HIS B 18 12.75 -3.07 -7.34
N LEU B 19 13.07 -4.32 -7.04
CA LEU B 19 12.09 -5.39 -6.94
C LEU B 19 11.95 -5.69 -5.43
N ALA B 20 10.74 -5.82 -4.93
CA ALA B 20 10.53 -6.21 -3.53
C ALA B 20 9.64 -7.46 -3.55
N ILE B 21 9.91 -8.39 -2.62
CA ILE B 21 9.17 -9.62 -2.61
C ILE B 21 8.77 -10.03 -1.18
N ILE B 22 7.50 -10.40 -1.02
CA ILE B 22 6.98 -10.95 0.26
C ILE B 22 7.09 -12.47 -0.02
N MET B 23 8.00 -13.13 0.69
CA MET B 23 8.27 -14.54 0.49
C MET B 23 7.33 -15.31 1.38
N ASP B 24 6.29 -15.94 0.83
CA ASP B 24 5.36 -16.59 1.76
C ASP B 24 5.14 -18.02 1.20
N GLY B 25 4.81 -18.96 2.08
CA GLY B 25 4.53 -20.32 1.64
C GLY B 25 5.46 -21.39 2.13
N ASN B 26 6.46 -21.04 2.94
CA ASN B 26 7.41 -22.06 3.40
C ASN B 26 6.74 -23.15 4.27
N GLY B 27 5.97 -22.68 5.22
CA GLY B 27 5.30 -23.58 6.14
C GLY B 27 4.24 -24.38 5.46
N ARG B 28 3.44 -23.73 4.63
CA ARG B 28 2.39 -24.43 3.91
C ARG B 28 2.98 -25.50 2.98
N TRP B 29 4.14 -25.18 2.41
CA TRP B 29 4.85 -26.07 1.53
C TRP B 29 5.30 -27.28 2.33
N ALA B 30 5.85 -27.07 3.52
CA ALA B 30 6.34 -28.23 4.31
C ALA B 30 5.18 -29.15 4.78
N LYS B 31 4.04 -28.56 5.11
CA LYS B 31 2.92 -29.37 5.55
C LYS B 31 2.35 -30.20 4.41
N LEU B 32 2.36 -29.63 3.22
CA LEU B 32 1.91 -30.36 2.07
C LEU B 32 2.81 -31.61 1.85
N LYS B 33 4.11 -31.44 2.06
CA LYS B 33 5.10 -32.52 1.83
C LYS B 33 5.28 -33.44 3.06
N ASN B 34 4.59 -33.12 4.14
CA ASN B 34 4.69 -33.90 5.37
C ASN B 34 6.16 -33.86 5.74
N LYS B 35 6.75 -32.68 5.69
CA LYS B 35 8.12 -32.51 6.07
C LYS B 35 8.12 -31.52 7.25
N ALA B 36 9.20 -31.51 8.00
CA ALA B 36 9.29 -30.54 9.12
C ALA B 36 9.48 -29.10 8.57
N ARG B 37 8.93 -28.13 9.27
CA ARG B 37 9.11 -26.71 8.92
C ARG B 37 10.50 -26.30 8.54
N ALA B 38 11.47 -26.77 9.31
CA ALA B 38 12.85 -26.41 9.08
C ALA B 38 13.23 -26.74 7.66
N TYR B 39 12.65 -27.81 7.17
CA TYR B 39 12.92 -28.26 5.82
C TYR B 39 12.37 -27.23 4.81
N GLY B 40 11.19 -26.70 5.07
CA GLY B 40 10.58 -25.71 4.18
C GLY B 40 11.40 -24.41 4.22
N HIS B 41 12.00 -24.14 5.37
CA HIS B 41 12.81 -22.94 5.53
C HIS B 41 14.12 -23.09 4.84
N LYS B 42 14.68 -24.27 4.95
CA LYS B 42 15.92 -24.52 4.25
C LYS B 42 15.68 -24.40 2.77
N LYS B 43 14.55 -24.94 2.27
CA LYS B 43 14.30 -24.81 0.82
C LYS B 43 14.12 -23.32 0.45
N GLY B 44 13.43 -22.62 1.33
CA GLY B 44 13.16 -21.20 1.10
C GLY B 44 14.43 -20.40 1.00
N VAL B 45 15.42 -20.77 1.81
CA VAL B 45 16.69 -20.06 1.79
C VAL B 45 17.35 -20.33 0.45
N LYS B 46 17.20 -21.52 -0.08
CA LYS B 46 17.79 -21.80 -1.41
C LYS B 46 17.08 -20.92 -2.48
N THR B 47 15.78 -20.74 -2.37
CA THR B 47 15.07 -19.90 -3.33
C THR B 47 15.63 -18.49 -3.18
N LEU B 48 15.75 -18.03 -1.94
CA LEU B 48 16.25 -16.66 -1.71
C LEU B 48 17.60 -16.48 -2.35
N LYS B 49 18.50 -17.42 -2.13
CA LYS B 49 19.84 -17.32 -2.74
C LYS B 49 19.76 -17.25 -4.31
N ASP B 50 19.02 -18.17 -4.92
CA ASP B 50 18.93 -18.19 -6.40
C ASP B 50 18.33 -16.92 -6.98
N ILE B 51 17.29 -16.42 -6.35
CA ILE B 51 16.65 -15.20 -6.85
C ILE B 51 17.55 -14.01 -6.63
N THR B 52 18.28 -13.99 -5.51
CA THR B 52 19.19 -12.85 -5.28
C THR B 52 20.28 -12.79 -6.38
N ILE B 53 20.93 -13.92 -6.62
CA ILE B 53 21.95 -13.97 -7.66
C ILE B 53 21.39 -13.65 -9.04
N TRP B 54 20.18 -14.16 -9.34
CA TRP B 54 19.52 -13.82 -10.62
C TRP B 54 19.35 -12.27 -10.75
N CYS B 55 18.88 -11.61 -9.70
CA CYS B 55 18.70 -10.15 -9.73
C CYS B 55 20.03 -9.42 -9.92
N ALA B 56 21.06 -9.93 -9.25
CA ALA B 56 22.34 -9.26 -9.46
C ALA B 56 22.84 -9.42 -10.89
N ASN B 57 22.68 -10.62 -11.46
CA ASN B 57 23.14 -10.86 -12.84
C ASN B 57 22.36 -10.09 -13.89
N HIS B 58 21.13 -9.75 -13.52
CA HIS B 58 20.27 -9.03 -14.43
C HIS B 58 20.31 -7.54 -14.20
N LYS B 59 21.26 -7.13 -13.39
CA LYS B 59 21.52 -5.72 -13.16
C LYS B 59 20.45 -4.85 -12.51
N LEU B 60 19.67 -5.44 -11.58
CA LEU B 60 18.71 -4.66 -10.81
C LEU B 60 19.59 -3.86 -9.87
N GLU B 61 19.08 -2.74 -9.35
CA GLU B 61 19.83 -1.98 -8.39
C GLU B 61 19.57 -2.49 -6.97
N CYS B 62 18.38 -3.01 -6.73
CA CYS B 62 18.04 -3.37 -5.37
C CYS B 62 16.98 -4.47 -5.34
N LEU B 63 17.10 -5.39 -4.38
CA LEU B 63 16.09 -6.42 -4.16
C LEU B 63 15.81 -6.43 -2.69
N THR B 64 14.54 -6.22 -2.27
CA THR B 64 14.15 -6.22 -0.86
C THR B 64 13.22 -7.38 -0.59
N LEU B 65 13.60 -8.21 0.41
CA LEU B 65 12.89 -9.40 0.79
C LEU B 65 12.29 -9.34 2.19
N TYR B 66 11.04 -9.79 2.33
CA TYR B 66 10.33 -9.77 3.60
C TYR B 66 10.06 -11.27 3.87
N LEU B 83 13.51 -18.90 15.86
CA LEU B 83 13.39 -18.37 14.45
C LEU B 83 14.59 -17.49 14.16
N MET B 84 15.28 -17.10 15.23
CA MET B 84 16.47 -16.29 15.11
C MET B 84 17.57 -17.28 14.78
N LYS B 85 17.37 -18.50 15.26
CA LYS B 85 18.32 -19.58 15.05
C LYS B 85 18.73 -19.59 13.60
N MET B 86 17.74 -19.79 12.74
CA MET B 86 17.99 -19.83 11.31
C MET B 86 18.64 -18.57 10.75
N LEU B 87 18.28 -17.42 11.31
CA LEU B 87 18.86 -16.16 10.84
C LEU B 87 20.36 -16.07 11.12
N LYS B 88 20.81 -16.33 12.34
CA LYS B 88 22.25 -16.26 12.60
C LYS B 88 23.02 -17.26 11.74
N LYS B 89 22.45 -18.47 11.59
CA LYS B 89 23.08 -19.49 10.78
C LYS B 89 23.22 -19.03 9.34
N TYR B 90 22.11 -18.54 8.78
CA TYR B 90 22.08 -18.04 7.41
C TYR B 90 23.16 -16.98 7.20
N LEU B 91 23.20 -16.01 8.11
CA LEU B 91 24.14 -14.90 8.01
C LEU B 91 25.58 -15.40 8.09
N LYS B 92 25.80 -16.41 8.92
CA LYS B 92 27.12 -17.00 9.06
C LYS B 92 27.45 -17.79 7.77
N ASP B 93 26.62 -18.80 7.49
CA ASP B 93 26.86 -19.64 6.33
C ASP B 93 26.85 -18.97 4.97
N GLU B 94 25.97 -17.98 4.80
CA GLU B 94 25.90 -17.30 3.53
C GLU B 94 26.81 -16.08 3.34
N ARG B 95 27.49 -15.65 4.40
CA ARG B 95 28.39 -14.51 4.29
C ARG B 95 29.22 -14.64 3.05
N SER B 96 29.84 -15.80 2.88
CA SER B 96 30.64 -15.97 1.68
C SER B 96 29.92 -15.77 0.35
N THR B 97 28.64 -16.10 0.24
CA THR B 97 28.01 -15.93 -1.08
C THR B 97 27.91 -14.44 -1.46
N TYR B 98 27.74 -13.59 -0.45
CA TYR B 98 27.65 -12.15 -0.71
C TYR B 98 28.96 -11.61 -1.23
N LEU B 99 30.03 -12.04 -0.57
CA LEU B 99 31.35 -11.54 -0.89
C LEU B 99 31.74 -12.10 -2.20
N ASP B 100 31.35 -13.36 -2.45
CA ASP B 100 31.71 -14.00 -3.70
C ASP B 100 30.90 -13.51 -4.89
N ASN B 101 29.81 -12.75 -4.70
CA ASN B 101 29.02 -12.30 -5.86
C ASN B 101 28.84 -10.76 -5.96
N ASN B 102 29.66 -9.96 -5.25
CA ASN B 102 29.53 -8.48 -5.27
C ASN B 102 28.16 -8.01 -4.83
N ILE B 103 27.60 -8.70 -3.85
CA ILE B 103 26.27 -8.33 -3.34
C ILE B 103 26.36 -7.56 -2.03
N ARG B 104 26.02 -6.28 -2.08
CA ARG B 104 25.97 -5.47 -0.88
C ARG B 104 24.76 -5.96 -0.11
N PHE B 105 24.92 -6.08 1.22
CA PHE B 105 23.86 -6.50 2.13
C PHE B 105 23.40 -5.35 3.02
N ARG B 106 22.09 -5.17 3.14
CA ARG B 106 21.58 -4.16 4.03
C ARG B 106 20.39 -4.75 4.77
N ALA B 107 20.26 -4.43 6.05
CA ALA B 107 19.05 -4.89 6.73
C ALA B 107 18.16 -3.65 6.99
N ILE B 108 16.84 -3.84 6.97
CA ILE B 108 15.94 -2.79 7.37
C ILE B 108 15.02 -3.44 8.41
N GLY B 109 14.41 -2.57 9.20
CA GLY B 109 13.53 -3.00 10.27
C GLY B 109 14.09 -2.52 11.60
N ASP B 110 13.41 -2.89 12.68
CA ASP B 110 13.73 -2.50 14.05
C ASP B 110 14.76 -3.46 14.68
N LEU B 111 16.01 -3.09 14.55
CA LEU B 111 17.11 -3.94 15.02
C LEU B 111 17.31 -4.01 16.51
N GLU B 112 16.77 -3.03 17.22
CA GLU B 112 16.90 -3.04 18.66
C GLU B 112 16.14 -4.25 19.20
N GLY B 113 15.13 -4.68 18.48
CA GLY B 113 14.38 -5.84 18.94
C GLY B 113 15.17 -7.13 18.79
N PHE B 114 16.46 -7.03 18.51
CA PHE B 114 17.27 -8.24 18.37
C PHE B 114 18.29 -8.33 19.49
N SER B 115 18.85 -9.52 19.68
CA SER B 115 19.89 -9.72 20.68
C SER B 115 21.16 -8.99 20.24
N LYS B 116 22.05 -8.80 21.21
CA LYS B 116 23.33 -8.13 20.97
C LYS B 116 24.04 -8.89 19.86
N GLU B 117 24.13 -10.20 20.03
CA GLU B 117 24.82 -11.04 19.09
C GLU B 117 24.28 -10.92 17.68
N LEU B 118 22.96 -11.09 17.55
CA LEU B 118 22.35 -11.05 16.25
C LEU B 118 22.46 -9.69 15.59
N ARG B 119 22.19 -8.68 16.40
CA ARG B 119 22.26 -7.33 15.92
C ARG B 119 23.67 -7.05 15.43
N ASP B 120 24.65 -7.60 16.12
CA ASP B 120 26.03 -7.36 15.73
C ASP B 120 26.44 -8.10 14.48
N THR B 121 25.93 -9.31 14.31
CA THR B 121 26.23 -10.05 13.11
C THR B 121 25.60 -9.39 11.89
N ILE B 122 24.39 -8.83 12.04
CA ILE B 122 23.74 -8.18 10.90
C ILE B 122 24.61 -6.96 10.51
N LEU B 123 24.96 -6.15 11.51
CA LEU B 123 25.75 -4.94 11.26
C LEU B 123 27.08 -5.29 10.66
N GLN B 124 27.63 -6.41 11.08
CA GLN B 124 28.91 -6.79 10.55
C GLN B 124 28.79 -7.23 9.11
N LEU B 125 27.68 -7.87 8.73
CA LEU B 125 27.60 -8.31 7.31
C LEU B 125 27.47 -7.06 6.43
N GLU B 126 26.73 -6.07 6.90
CA GLU B 126 26.61 -4.82 6.14
C GLU B 126 28.02 -4.23 6.00
N ASN B 127 28.73 -4.16 7.12
CA ASN B 127 30.09 -3.61 7.02
C ASN B 127 30.97 -4.43 6.10
N ASP B 128 30.80 -5.74 6.08
CA ASP B 128 31.65 -6.58 5.25
C ASP B 128 31.41 -6.36 3.80
N THR B 129 30.22 -5.85 3.45
CA THR B 129 29.90 -5.73 2.03
C THR B 129 29.57 -4.30 1.57
N ARG B 130 29.75 -3.29 2.42
CA ARG B 130 29.38 -1.93 2.05
C ARG B 130 30.11 -1.44 0.80
N HIS B 131 31.23 -2.05 0.47
CA HIS B 131 31.97 -1.51 -0.66
C HIS B 131 31.49 -1.94 -2.02
N PHE B 132 30.56 -2.88 -2.09
CA PHE B 132 30.01 -3.31 -3.38
C PHE B 132 28.99 -2.23 -3.73
N LYS B 133 29.11 -1.63 -4.89
CA LYS B 133 28.23 -0.55 -5.18
C LYS B 133 27.24 -0.69 -6.32
N ASP B 134 27.06 -1.87 -6.85
CA ASP B 134 26.13 -1.96 -7.97
C ASP B 134 24.72 -2.51 -7.61
N PHE B 135 24.71 -3.57 -6.83
CA PHE B 135 23.44 -4.25 -6.47
C PHE B 135 23.43 -4.47 -4.99
N THR B 136 22.28 -4.25 -4.38
CA THR B 136 22.05 -4.41 -2.96
C THR B 136 20.88 -5.37 -2.71
N GLN B 137 21.09 -6.33 -1.81
CA GLN B 137 20.03 -7.23 -1.37
C GLN B 137 19.67 -6.66 0.02
N VAL B 138 18.38 -6.36 0.23
CA VAL B 138 17.91 -5.81 1.51
C VAL B 138 17.06 -6.85 2.20
N LEU B 139 17.39 -7.23 3.44
CA LEU B 139 16.53 -8.16 4.15
C LEU B 139 15.72 -7.40 5.21
N ALA B 140 14.40 -7.49 5.19
CA ALA B 140 13.59 -6.76 6.18
C ALA B 140 13.45 -7.72 7.38
N LEU B 141 14.03 -7.29 8.48
CA LEU B 141 14.14 -8.09 9.70
C LEU B 141 13.45 -7.35 10.84
N ASN B 142 12.50 -8.01 11.51
CA ASN B 142 11.70 -7.34 12.58
C ASN B 142 11.17 -6.00 11.99
N TYR B 143 10.65 -6.12 10.78
CA TYR B 143 10.17 -4.99 10.01
C TYR B 143 8.66 -4.87 9.86
N GLY B 144 8.19 -3.61 9.93
CA GLY B 144 6.80 -3.25 9.66
C GLY B 144 6.85 -1.82 9.17
N SER B 145 6.08 -1.47 8.14
CA SER B 145 6.11 -0.07 7.63
C SER B 145 5.69 0.97 8.60
N LYS B 146 4.61 0.68 9.34
CA LYS B 146 4.10 1.68 10.29
C LYS B 146 5.18 1.97 11.30
N ASN B 147 5.89 0.94 11.80
CA ASN B 147 6.96 1.17 12.76
C ASN B 147 8.14 1.93 12.11
N GLU B 148 8.38 1.65 10.85
CA GLU B 148 9.48 2.36 10.14
C GLU B 148 9.13 3.86 10.03
N LEU B 149 7.90 4.13 9.66
CA LEU B 149 7.44 5.54 9.57
C LEU B 149 7.42 6.20 11.00
N SER B 150 7.07 5.40 12.01
CA SER B 150 7.09 5.89 13.38
C SER B 150 8.48 6.35 13.78
N ARG B 151 9.50 5.54 13.47
CA ARG B 151 10.87 5.82 13.80
C ARG B 151 11.35 6.99 13.00
N ALA B 152 10.89 7.10 11.74
CA ALA B 152 11.35 8.22 10.95
C ALA B 152 10.70 9.51 11.51
N PHE B 153 9.41 9.45 11.84
CA PHE B 153 8.73 10.60 12.42
C PHE B 153 9.36 11.06 13.74
N LYS B 154 9.71 10.09 14.60
CA LYS B 154 10.30 10.39 15.91
C LYS B 154 11.60 11.10 15.69
N SER B 155 12.35 10.58 14.72
CA SER B 155 13.63 11.16 14.37
C SER B 155 13.51 12.64 13.93
N LEU B 156 12.56 12.93 13.06
CA LEU B 156 12.32 14.29 12.56
C LEU B 156 11.77 15.24 13.62
N LEU B 157 11.00 14.70 14.56
CA LEU B 157 10.41 15.52 15.59
C LEU B 157 11.50 15.94 16.50
N GLU B 158 12.33 14.97 16.82
CA GLU B 158 13.44 15.22 17.68
C GLU B 158 14.41 16.21 17.02
N SER B 159 14.73 15.98 15.76
CA SER B 159 15.64 16.88 15.05
C SER B 159 15.02 17.32 13.75
N PRO B 160 14.23 18.40 13.77
CA PRO B 160 13.63 18.79 12.48
C PRO B 160 14.63 19.27 11.44
N LEU B 170 8.63 18.09 2.64
CA LEU B 170 8.45 17.18 3.83
C LEU B 170 8.48 15.72 3.43
N GLU B 171 7.87 15.39 2.28
CA GLU B 171 7.86 14.02 1.80
C GLU B 171 9.29 13.51 1.67
N ASN B 172 10.14 14.32 1.04
CA ASN B 172 11.55 13.96 0.86
C ASN B 172 12.30 13.81 2.17
N GLU B 173 12.00 14.66 3.16
CA GLU B 173 12.70 14.56 4.45
C GLU B 173 12.32 13.24 5.12
N ILE B 174 11.05 12.88 4.98
CA ILE B 174 10.58 11.64 5.61
C ILE B 174 11.27 10.47 4.93
N SER B 175 11.26 10.53 3.61
CA SER B 175 11.83 9.52 2.76
C SER B 175 13.29 9.32 3.11
N ASN B 176 13.97 10.42 3.37
CA ASN B 176 15.37 10.30 3.69
C ASN B 176 15.70 9.88 5.12
N ARG B 177 14.68 9.70 5.96
CA ARG B 177 14.89 9.18 7.30
C ARG B 177 14.34 7.74 7.35
N LEU B 178 13.80 7.18 6.26
CA LEU B 178 13.32 5.80 6.36
C LEU B 178 14.50 4.86 6.28
N ASP B 179 14.32 3.58 6.61
CA ASP B 179 15.44 2.64 6.55
C ASP B 179 15.97 2.47 5.13
N THR B 180 15.11 2.71 4.14
CA THR B 180 15.46 2.55 2.72
C THR B 180 16.08 3.80 2.09
N ARG B 181 16.44 4.76 2.95
CA ARG B 181 17.00 6.05 2.54
C ARG B 181 17.92 6.07 1.33
N ASN B 182 18.87 5.18 1.19
CA ASN B 182 19.53 5.56 -0.08
C ASN B 182 19.12 4.75 -1.33
N LEU B 183 17.99 4.03 -1.23
CA LEU B 183 17.47 3.16 -2.31
C LEU B 183 16.38 3.79 -3.15
N PRO B 184 16.21 3.32 -4.39
CA PRO B 184 15.16 3.80 -5.30
C PRO B 184 13.80 3.35 -4.77
N GLU B 185 12.71 3.99 -5.23
CA GLU B 185 11.39 3.52 -4.80
C GLU B 185 11.21 2.15 -5.43
N VAL B 186 10.24 1.43 -4.90
CA VAL B 186 9.95 0.09 -5.38
C VAL B 186 9.25 0.14 -6.74
N ASP B 187 9.73 -0.58 -7.73
CA ASP B 187 9.06 -0.56 -9.02
C ASP B 187 8.06 -1.69 -9.14
N LEU B 188 8.38 -2.83 -8.51
CA LEU B 188 7.51 -3.97 -8.62
C LEU B 188 7.46 -4.64 -7.25
N LEU B 189 6.27 -4.81 -6.66
CA LEU B 189 6.17 -5.50 -5.33
C LEU B 189 5.43 -6.84 -5.64
N LEU B 190 6.09 -7.98 -5.40
CA LEU B 190 5.53 -9.27 -5.69
C LEU B 190 5.29 -10.06 -4.40
N ARG B 191 4.13 -10.74 -4.33
CA ARG B 191 3.88 -11.58 -3.16
C ARG B 191 3.60 -13.02 -3.61
N THR B 192 4.42 -13.96 -3.11
CA THR B 192 4.21 -15.34 -3.47
C THR B 192 3.34 -15.99 -2.38
N GLY B 193 2.93 -17.24 -2.60
CA GLY B 193 2.17 -17.91 -1.53
C GLY B 193 0.66 -17.80 -1.69
N GLY B 194 0.17 -16.98 -2.63
CA GLY B 194 -1.27 -16.93 -2.80
C GLY B 194 -2.09 -15.81 -2.14
N GLU B 195 -1.64 -15.23 -1.05
CA GLU B 195 -2.45 -14.16 -0.41
C GLU B 195 -2.28 -12.86 -1.16
N MET B 196 -3.33 -12.01 -1.13
CA MET B 196 -3.24 -10.70 -1.79
C MET B 196 -3.44 -9.55 -0.80
N ARG B 197 -2.40 -9.25 -0.02
CA ARG B 197 -2.38 -8.20 1.01
C ARG B 197 -0.94 -7.67 1.06
N LEU B 198 -0.71 -6.42 1.47
CA LEU B 198 0.67 -5.85 1.53
C LEU B 198 1.39 -6.19 2.82
N SER B 199 0.61 -6.59 3.80
CA SER B 199 1.11 -6.94 5.09
C SER B 199 2.14 -5.99 5.71
N ASN B 200 1.84 -4.69 5.67
CA ASN B 200 2.66 -3.70 6.34
C ASN B 200 4.13 -3.74 5.90
N PHE B 201 4.32 -3.90 4.59
CA PHE B 201 5.66 -4.00 4.04
C PHE B 201 5.87 -2.94 2.98
N LEU B 202 6.83 -2.04 3.22
CA LEU B 202 7.15 -1.01 2.18
C LEU B 202 5.95 -0.27 1.61
N LEU B 203 5.03 0.10 2.50
CA LEU B 203 3.83 0.81 2.06
C LEU B 203 4.20 2.14 1.36
N TRP B 204 5.06 2.95 1.98
CA TRP B 204 5.45 4.25 1.44
C TRP B 204 6.22 4.13 0.18
N GLN B 205 7.21 3.24 0.23
CA GLN B 205 8.10 3.00 -0.90
C GLN B 205 7.45 2.32 -2.10
N SER B 206 6.31 1.67 -1.89
CA SER B 206 5.61 0.98 -2.99
C SER B 206 4.43 1.77 -3.48
N SER B 207 4.36 3.07 -3.13
CA SER B 207 3.20 3.89 -3.52
C SER B 207 2.70 3.77 -4.97
N TYR B 208 3.64 3.64 -5.93
CA TYR B 208 3.28 3.52 -7.33
C TYR B 208 3.90 2.24 -7.93
N ALA B 209 4.21 1.29 -7.10
CA ALA B 209 4.78 0.02 -7.60
C ALA B 209 3.72 -0.82 -8.35
N GLU B 210 4.14 -1.58 -9.35
CA GLU B 210 3.23 -2.49 -10.04
C GLU B 210 3.15 -3.67 -9.09
N LEU B 211 1.91 -4.14 -8.79
CA LEU B 211 1.74 -5.26 -7.86
C LEU B 211 1.55 -6.55 -8.61
N PHE B 212 2.22 -7.62 -8.15
CA PHE B 212 2.12 -8.96 -8.71
C PHE B 212 1.89 -9.92 -7.59
N PHE B 213 1.11 -10.95 -7.89
CA PHE B 213 0.79 -11.97 -6.92
C PHE B 213 0.89 -13.33 -7.58
N THR B 214 1.47 -14.33 -6.88
CA THR B 214 1.44 -15.62 -7.50
C THR B 214 1.10 -16.64 -6.43
N PRO B 215 0.36 -17.70 -6.79
CA PRO B 215 0.05 -18.70 -5.74
C PRO B 215 1.26 -19.56 -5.47
N ILE B 216 2.25 -19.50 -6.36
CA ILE B 216 3.42 -20.35 -6.18
C ILE B 216 3.97 -20.20 -4.80
N LEU B 217 4.22 -21.31 -4.06
CA LEU B 217 4.78 -21.22 -2.69
C LEU B 217 6.28 -20.89 -2.78
N TRP B 218 6.78 -20.13 -1.81
CA TRP B 218 8.18 -19.68 -1.89
C TRP B 218 9.19 -20.80 -2.16
N PRO B 219 9.09 -21.93 -1.47
CA PRO B 219 10.09 -22.96 -1.79
C PRO B 219 10.10 -23.48 -3.24
N ASP B 220 8.99 -23.36 -3.97
CA ASP B 220 8.88 -23.85 -5.34
C ASP B 220 9.19 -22.75 -6.37
N PHE B 221 9.28 -21.51 -5.90
CA PHE B 221 9.45 -20.35 -6.82
C PHE B 221 10.85 -20.37 -7.46
N THR B 222 10.93 -20.17 -8.77
CA THR B 222 12.21 -20.27 -9.47
C THR B 222 12.54 -19.04 -10.22
N PRO B 223 13.80 -18.91 -10.65
CA PRO B 223 14.18 -17.75 -11.42
C PRO B 223 13.33 -17.66 -12.67
N LYS B 224 12.95 -18.80 -13.24
CA LYS B 224 12.15 -18.74 -14.50
C LYS B 224 10.77 -18.14 -14.18
N ASP B 225 10.22 -18.48 -13.02
CA ASP B 225 8.95 -17.90 -12.65
C ASP B 225 9.11 -16.38 -12.55
N LEU B 226 10.24 -15.96 -12.03
CA LEU B 226 10.45 -14.51 -11.87
C LEU B 226 10.66 -13.85 -13.26
N GLU B 227 11.33 -14.60 -14.14
CA GLU B 227 11.52 -14.12 -15.52
C GLU B 227 10.18 -13.90 -16.19
N ASN B 228 9.23 -14.82 -15.95
CA ASN B 228 7.89 -14.64 -16.54
C ASN B 228 7.20 -13.36 -15.98
N ILE B 229 7.36 -13.14 -14.66
CA ILE B 229 6.77 -11.97 -13.99
C ILE B 229 7.35 -10.67 -14.53
N ILE B 230 8.68 -10.66 -14.70
CA ILE B 230 9.32 -9.46 -15.20
C ILE B 230 8.95 -9.18 -16.65
N SER B 231 8.80 -10.22 -17.50
CA SER B 231 8.35 -9.93 -18.88
C SER B 231 6.95 -9.27 -18.77
N ASP B 232 6.14 -9.76 -17.85
CA ASP B 232 4.78 -9.20 -17.64
C ASP B 232 4.81 -7.76 -17.17
N PHE B 233 5.77 -7.46 -16.33
CA PHE B 233 5.96 -6.10 -15.82
C PHE B 233 6.22 -5.15 -17.01
N TYR B 234 7.19 -5.49 -17.85
CA TYR B 234 7.49 -4.67 -19.01
C TYR B 234 6.30 -4.56 -19.94
N LYS B 235 5.50 -5.62 -20.03
CA LYS B 235 4.32 -5.53 -20.89
C LYS B 235 3.31 -4.59 -20.29
N ARG B 236 3.19 -4.59 -18.96
CA ARG B 236 2.24 -3.59 -18.35
C ARG B 236 2.73 -2.18 -18.65
N VAL B 237 4.03 -1.99 -18.54
CA VAL B 237 4.56 -0.67 -18.77
C VAL B 237 4.30 -0.15 -20.20
N ARG B 238 4.31 -1.07 -21.17
CA ARG B 238 4.04 -0.71 -22.57
C ARG B 238 2.55 -0.39 -22.75
N LYS B 239 1.70 -1.15 -22.06
CA LYS B 239 0.26 -0.97 -22.18
C LYS B 239 -0.31 0.32 -21.59
N PHE B 240 0.25 0.83 -20.49
CA PHE B 240 -0.36 2.04 -19.97
C PHE B 240 -0.09 3.23 -20.92
N GLY B 241 1.07 3.22 -21.56
CA GLY B 241 1.43 4.27 -22.52
C GLY B 241 0.78 4.08 -23.88
N GLU B 242 0.12 2.94 -24.06
CA GLU B 242 -0.57 2.59 -25.30
C GLU B 242 -2.05 2.93 -25.11
#